data_9EQO
#
_entry.id   9EQO
#
_cell.length_a   54.952
_cell.length_b   54.952
_cell.length_c   89.468
_cell.angle_alpha   90.00
_cell.angle_beta   90.00
_cell.angle_gamma   120.00
#
_symmetry.space_group_name_H-M   'P 32 2 1'
#
loop_
_entity.id
_entity.type
_entity.pdbx_description
1 polymer 'Capsid protein VP3'
2 water water
#
_entity_poly.entity_id   1
_entity_poly.type   'polypeptide(L)'
_entity_poly.pdbx_seq_one_letter_code
;SEFKETPELESAVRAMEAAANVDPLFQSALSVFMWLEENGIVTDMANFALSDPNAHRMRNFLANA
;
_entity_poly.pdbx_strand_id   A,B
#
# COMPACT_ATOMS: atom_id res chain seq x y z
N GLU A 5 -5.86 -10.08 -14.98
CA GLU A 5 -6.79 -11.07 -15.58
C GLU A 5 -6.43 -12.48 -15.09
N THR A 6 -5.29 -12.36 -14.16
CA THR A 6 -5.04 -13.70 -13.59
C THR A 6 -6.10 -13.91 -12.52
N PRO A 7 -6.59 -15.15 -12.34
CA PRO A 7 -7.52 -15.40 -11.24
C PRO A 7 -6.97 -14.99 -9.88
N GLU A 8 -5.65 -15.08 -9.69
CA GLU A 8 -5.08 -14.69 -8.40
C GLU A 8 -5.24 -13.20 -8.15
N LEU A 9 -5.04 -12.37 -9.18
CA LEU A 9 -5.20 -10.93 -9.01
C LEU A 9 -6.65 -10.58 -8.68
N GLU A 10 -7.60 -11.10 -9.48
CA GLU A 10 -8.99 -10.78 -9.23
C GLU A 10 -9.45 -11.24 -7.86
N SER A 11 -9.00 -12.41 -7.43
CA SER A 11 -9.38 -12.91 -6.11
C SER A 11 -8.77 -12.07 -5.00
N ALA A 12 -7.52 -11.63 -5.18
CA ALA A 12 -6.88 -10.80 -4.17
C ALA A 12 -7.58 -9.47 -4.01
N VAL A 13 -7.99 -8.85 -5.12
CA VAL A 13 -8.69 -7.57 -5.02
C VAL A 13 -10.02 -7.75 -4.29
N ARG A 14 -10.77 -8.81 -4.61
CA ARG A 14 -12.01 -9.08 -3.89
C ARG A 14 -11.76 -9.27 -2.40
N ALA A 15 -10.73 -10.03 -2.04
CA ALA A 15 -10.44 -10.28 -0.63
C ALA A 15 -10.00 -9.00 0.08
N MET A 16 -9.20 -8.18 -0.60
CA MET A 16 -8.77 -6.92 0.00
C MET A 16 -9.96 -6.00 0.22
N GLU A 17 -10.90 -5.96 -0.73
CA GLU A 17 -12.09 -5.14 -0.55
C GLU A 17 -12.92 -5.61 0.63
N ALA A 18 -13.03 -6.93 0.81
CA ALA A 18 -13.80 -7.47 1.94
C ALA A 18 -13.17 -7.09 3.27
N ALA A 19 -11.83 -7.12 3.35
CA ALA A 19 -11.17 -6.69 4.57
C ALA A 19 -11.30 -5.20 4.77
N ALA A 20 -11.14 -4.42 3.69
CA ALA A 20 -11.28 -2.97 3.78
C ALA A 20 -12.66 -2.57 4.28
N ASN A 21 -13.70 -3.33 3.90
CA ASN A 21 -15.06 -2.93 4.24
C ASN A 21 -15.37 -3.15 5.72
N VAL A 22 -14.52 -3.83 6.46
CA VAL A 22 -14.75 -4.05 7.89
C VAL A 22 -13.66 -3.41 8.76
N ASP A 23 -12.73 -2.65 8.17
CA ASP A 23 -11.68 -1.98 8.94
C ASP A 23 -11.23 -0.71 8.21
N PRO A 24 -11.57 0.47 8.73
CA PRO A 24 -11.14 1.72 8.07
C PRO A 24 -9.65 1.81 7.81
N LEU A 25 -8.79 1.27 8.69
CA LEU A 25 -7.36 1.39 8.43
C LEU A 25 -6.95 0.57 7.22
N PHE A 26 -7.52 -0.63 7.07
CA PHE A 26 -7.23 -1.42 5.88
C PHE A 26 -7.83 -0.76 4.64
N GLN A 27 -8.99 -0.11 4.77
CA GLN A 27 -9.53 0.66 3.65
C GLN A 27 -8.55 1.74 3.21
N SER A 28 -7.93 2.43 4.17
CA SER A 28 -6.93 3.43 3.81
C SER A 28 -5.76 2.80 3.09
N ALA A 29 -5.30 1.64 3.55
CA ALA A 29 -4.20 0.95 2.89
C ALA A 29 -4.59 0.52 1.49
N LEU A 30 -5.82 0.02 1.31
CA LEU A 30 -6.27 -0.36 -0.01
C LEU A 30 -6.35 0.84 -0.94
N SER A 31 -6.80 1.99 -0.43
CA SER A 31 -6.82 3.21 -1.23
C SER A 31 -5.41 3.60 -1.67
N VAL A 32 -4.42 3.46 -0.78
CA VAL A 32 -3.04 3.72 -1.17
C VAL A 32 -2.59 2.74 -2.25
N PHE A 33 -2.92 1.45 -2.08
CA PHE A 33 -2.56 0.45 -3.08
C PHE A 33 -3.14 0.80 -4.44
N MET A 34 -4.42 1.16 -4.49
CA MET A 34 -5.05 1.46 -5.78
C MET A 34 -4.42 2.68 -6.41
N TRP A 35 -4.05 3.68 -5.60
CA TRP A 35 -3.41 4.88 -6.11
C TRP A 35 -2.01 4.56 -6.64
N LEU A 36 -1.23 3.78 -5.90
CA LEU A 36 0.09 3.39 -6.38
C LEU A 36 -0.01 2.55 -7.63
N GLU A 37 -1.00 1.65 -7.70
CA GLU A 37 -1.11 0.76 -8.84
C GLU A 37 -1.53 1.53 -10.10
N GLU A 38 -2.55 2.40 -9.97
CA GLU A 38 -3.00 3.19 -11.12
C GLU A 38 -1.87 4.05 -11.66
N ASN A 39 -0.96 4.46 -10.79
CA ASN A 39 0.13 5.35 -11.17
C ASN A 39 1.45 4.62 -11.44
N GLY A 40 1.44 3.30 -11.40
CA GLY A 40 2.60 2.51 -11.77
C GLY A 40 3.77 2.55 -10.81
N ILE A 41 3.52 2.80 -9.52
CA ILE A 41 4.61 3.02 -8.59
C ILE A 41 4.58 2.12 -7.36
N VAL A 42 3.91 0.97 -7.44
CA VAL A 42 3.91 0.06 -6.29
C VAL A 42 5.32 -0.45 -6.00
N THR A 43 6.02 -0.97 -7.03
CA THR A 43 7.36 -1.48 -6.79
C THR A 43 8.33 -0.35 -6.48
N ASP A 44 8.12 0.82 -7.06
CA ASP A 44 8.96 1.96 -6.69
C ASP A 44 8.81 2.31 -5.22
N MET A 45 7.58 2.21 -4.70
CA MET A 45 7.38 2.48 -3.27
C MET A 45 8.02 1.40 -2.41
N ALA A 46 7.96 0.14 -2.84
CA ALA A 46 8.64 -0.93 -2.12
C ALA A 46 10.14 -0.70 -2.09
N ASN A 47 10.71 -0.25 -3.22
CA ASN A 47 12.14 0.05 -3.26
C ASN A 47 12.47 1.21 -2.31
N PHE A 48 11.63 2.23 -2.30
CA PHE A 48 11.86 3.34 -1.39
C PHE A 48 11.84 2.87 0.06
N ALA A 49 10.91 1.97 0.38
CA ALA A 49 10.80 1.45 1.73
C ALA A 49 12.08 0.74 2.17
N LEU A 50 12.79 0.08 1.24
CA LEU A 50 14.06 -0.53 1.61
C LEU A 50 15.10 0.53 1.94
N SER A 51 15.05 1.67 1.25
CA SER A 51 16.00 2.75 1.49
C SER A 51 15.66 3.57 2.73
N ASP A 52 14.40 3.49 3.18
CA ASP A 52 13.89 4.32 4.28
C ASP A 52 13.08 3.41 5.20
N PRO A 53 13.73 2.42 5.82
CA PRO A 53 12.95 1.35 6.49
C PRO A 53 12.14 1.82 7.68
N ASN A 54 12.54 2.92 8.31
CA ASN A 54 11.82 3.48 9.44
C ASN A 54 11.00 4.70 9.05
N ALA A 55 10.89 4.98 7.75
CA ALA A 55 10.02 6.01 7.22
C ALA A 55 10.40 7.41 7.69
N HIS A 56 11.65 7.63 8.10
CA HIS A 56 12.07 8.96 8.53
C HIS A 56 11.90 9.97 7.39
N ARG A 57 12.41 9.62 6.20
CA ARG A 57 12.32 10.56 5.09
C ARG A 57 10.88 10.70 4.61
N MET A 58 10.15 9.59 4.55
CA MET A 58 8.77 9.66 4.09
C MET A 58 7.90 10.47 5.04
N ARG A 59 8.08 10.29 6.36
CA ARG A 59 7.30 11.07 7.31
C ARG A 59 7.50 12.56 7.12
N ASN A 60 8.74 13.00 6.92
CA ASN A 60 9.01 14.42 6.72
C ASN A 60 8.32 14.95 5.47
N PHE A 61 8.30 14.13 4.41
CA PHE A 61 7.66 14.53 3.17
C PHE A 61 6.15 14.60 3.34
N LEU A 62 5.55 13.59 3.97
CA LEU A 62 4.11 13.61 4.14
C LEU A 62 3.68 14.74 5.08
N ALA A 63 4.52 15.07 6.07
CA ALA A 63 4.13 16.07 7.06
C ALA A 63 4.10 17.48 6.47
N ASN A 64 5.12 17.83 5.68
CA ASN A 64 5.23 19.17 5.11
C ASN A 64 4.51 19.29 3.78
N ALA A 65 3.34 18.66 3.65
CA ALA A 65 2.54 18.75 2.43
C ALA A 65 1.54 19.89 2.54
N SER B 1 -4.01 1.74 15.81
CA SER B 1 -2.87 2.10 14.97
C SER B 1 -2.41 0.90 14.13
N GLU B 2 -2.93 -0.36 14.19
CA GLU B 2 -2.63 -1.54 13.39
C GLU B 2 -3.92 -2.06 12.77
N PHE B 3 -3.77 -2.86 11.70
CA PHE B 3 -4.95 -3.42 11.06
C PHE B 3 -5.71 -4.30 12.05
N LYS B 4 -7.04 -4.18 12.02
CA LYS B 4 -7.87 -4.97 12.91
C LYS B 4 -7.77 -6.44 12.54
N GLU B 5 -7.61 -7.31 13.55
CA GLU B 5 -7.47 -8.75 13.30
C GLU B 5 -8.86 -9.33 13.10
N THR B 6 -9.31 -9.34 11.85
CA THR B 6 -10.59 -9.90 11.44
C THR B 6 -10.36 -11.14 10.60
N PRO B 7 -11.36 -12.02 10.48
CA PRO B 7 -11.24 -13.12 9.50
C PRO B 7 -11.00 -12.62 8.09
N GLU B 8 -11.55 -11.45 7.75
CA GLU B 8 -11.35 -10.91 6.41
C GLU B 8 -9.89 -10.51 6.20
N LEU B 9 -9.22 -10.00 7.23
CA LEU B 9 -7.82 -9.65 7.09
C LEU B 9 -6.97 -10.89 6.81
N GLU B 10 -7.20 -11.97 7.56
CA GLU B 10 -6.44 -13.19 7.32
C GLU B 10 -6.67 -13.71 5.89
N SER B 11 -7.92 -13.65 5.41
CA SER B 11 -8.20 -14.07 4.04
C SER B 11 -7.52 -13.15 3.02
N ALA B 12 -7.51 -11.85 3.29
CA ALA B 12 -6.87 -10.90 2.38
C ALA B 12 -5.36 -11.16 2.30
N VAL B 13 -4.70 -11.40 3.43
CA VAL B 13 -3.27 -11.64 3.40
C VAL B 13 -2.95 -12.92 2.63
N ARG B 14 -3.74 -13.97 2.87
CA ARG B 14 -3.55 -15.21 2.12
C ARG B 14 -3.74 -14.99 0.62
N ALA B 15 -4.77 -14.23 0.25
CA ALA B 15 -5.02 -13.96 -1.16
C ALA B 15 -3.89 -13.13 -1.77
N MET B 16 -3.38 -12.15 -1.04
CA MET B 16 -2.28 -11.35 -1.55
C MET B 16 -1.03 -12.19 -1.72
N GLU B 17 -0.79 -13.12 -0.79
CA GLU B 17 0.34 -14.04 -0.93
C GLU B 17 0.19 -14.95 -2.15
N ALA B 18 -1.03 -15.40 -2.43
CA ALA B 18 -1.25 -16.22 -3.62
C ALA B 18 -1.00 -15.41 -4.89
N ALA B 19 -1.36 -14.13 -4.89
CA ALA B 19 -1.11 -13.28 -6.05
C ALA B 19 0.38 -12.94 -6.16
N ALA B 20 1.06 -12.79 -5.02
CA ALA B 20 2.49 -12.50 -5.06
C ALA B 20 3.29 -13.65 -5.64
N ASN B 21 2.72 -14.85 -5.65
CA ASN B 21 3.33 -16.03 -6.24
C ASN B 21 3.32 -15.98 -7.77
N VAL B 22 2.53 -15.09 -8.39
CA VAL B 22 2.44 -15.03 -9.85
C VAL B 22 2.70 -13.63 -10.40
N ASP B 23 2.73 -12.62 -9.54
CA ASP B 23 2.80 -11.23 -9.99
C ASP B 23 3.66 -10.41 -9.03
N PRO B 24 4.76 -9.81 -9.47
CA PRO B 24 5.57 -9.01 -8.54
C PRO B 24 4.83 -7.82 -7.95
N LEU B 25 3.78 -7.34 -8.61
CA LEU B 25 2.95 -6.28 -8.05
C LEU B 25 2.52 -6.60 -6.62
N PHE B 26 2.13 -7.83 -6.37
CA PHE B 26 1.62 -8.18 -5.05
C PHE B 26 2.73 -8.50 -4.06
N GLN B 27 3.91 -8.92 -4.52
CA GLN B 27 5.07 -8.95 -3.64
C GLN B 27 5.36 -7.55 -3.11
N SER B 28 5.41 -6.58 -4.02
CA SER B 28 5.64 -5.20 -3.62
C SER B 28 4.52 -4.70 -2.72
N ALA B 29 3.27 -5.04 -3.04
CA ALA B 29 2.14 -4.58 -2.23
C ALA B 29 2.26 -5.07 -0.79
N LEU B 30 2.60 -6.35 -0.59
CA LEU B 30 2.74 -6.87 0.77
C LEU B 30 3.80 -6.12 1.54
N SER B 31 4.95 -5.85 0.90
CA SER B 31 6.02 -5.12 1.56
C SER B 31 5.58 -3.70 1.91
N VAL B 32 4.86 -3.04 1.00
CA VAL B 32 4.42 -1.68 1.25
C VAL B 32 3.40 -1.64 2.37
N PHE B 33 2.45 -2.57 2.38
CA PHE B 33 1.46 -2.62 3.45
C PHE B 33 2.14 -2.78 4.82
N MET B 34 3.11 -3.70 4.90
CA MET B 34 3.80 -3.92 6.17
C MET B 34 4.56 -2.67 6.60
N TRP B 35 5.22 -2.00 5.66
CA TRP B 35 6.02 -0.83 5.97
C TRP B 35 5.14 0.34 6.40
N LEU B 36 4.02 0.56 5.70
CA LEU B 36 3.10 1.62 6.12
C LEU B 36 2.53 1.36 7.50
N GLU B 37 2.12 0.11 7.76
CA GLU B 37 1.52 -0.21 9.05
C GLU B 37 2.53 -0.10 10.17
N GLU B 38 3.74 -0.66 9.99
CA GLU B 38 4.73 -0.63 11.05
C GLU B 38 5.15 0.79 11.38
N ASN B 39 5.21 1.66 10.39
CA ASN B 39 5.65 3.02 10.60
C ASN B 39 4.52 3.99 10.92
N GLY B 40 3.28 3.50 10.98
CA GLY B 40 2.17 4.35 11.37
C GLY B 40 1.82 5.42 10.37
N ILE B 41 2.05 5.17 9.07
CA ILE B 41 1.81 6.17 8.04
C ILE B 41 0.75 5.72 7.02
N VAL B 42 -0.10 4.75 7.36
CA VAL B 42 -1.16 4.34 6.43
C VAL B 42 -2.09 5.51 6.14
N THR B 43 -2.64 6.11 7.19
CA THR B 43 -3.57 7.21 7.00
C THR B 43 -2.87 8.42 6.41
N ASP B 44 -1.63 8.69 6.86
CA ASP B 44 -0.88 9.82 6.30
C ASP B 44 -0.69 9.66 4.80
N MET B 45 -0.38 8.46 4.35
CA MET B 45 -0.18 8.26 2.92
C MET B 45 -1.50 8.31 2.16
N ALA B 46 -2.57 7.77 2.74
CA ALA B 46 -3.88 7.87 2.09
C ALA B 46 -4.30 9.33 1.94
N ASN B 47 -4.03 10.14 2.96
CA ASN B 47 -4.35 11.56 2.87
C ASN B 47 -3.51 12.24 1.79
N PHE B 48 -2.22 11.90 1.72
CA PHE B 48 -1.37 12.47 0.68
C PHE B 48 -1.91 12.13 -0.70
N ALA B 49 -2.33 10.86 -0.90
CA ALA B 49 -2.79 10.42 -2.21
C ALA B 49 -3.98 11.23 -2.69
N LEU B 50 -4.84 11.67 -1.78
CA LEU B 50 -5.98 12.49 -2.16
C LEU B 50 -5.53 13.83 -2.74
N SER B 51 -4.38 14.33 -2.28
CA SER B 51 -3.84 15.60 -2.73
C SER B 51 -2.98 15.47 -3.98
N ASP B 52 -2.65 14.25 -4.40
CA ASP B 52 -1.70 14.01 -5.48
C ASP B 52 -2.22 12.87 -6.35
N PRO B 53 -3.43 13.02 -6.90
CA PRO B 53 -4.09 11.84 -7.51
C PRO B 53 -3.36 11.26 -8.71
N ASN B 54 -2.63 12.07 -9.47
CA ASN B 54 -1.86 11.55 -10.60
C ASN B 54 -0.40 11.28 -10.24
N ALA B 55 -0.08 11.32 -8.95
CA ALA B 55 1.21 10.91 -8.39
C ALA B 55 2.39 11.73 -8.92
N HIS B 56 2.14 12.93 -9.46
CA HIS B 56 3.25 13.75 -9.93
C HIS B 56 4.20 14.12 -8.80
N ARG B 57 3.63 14.49 -7.64
CA ARG B 57 4.49 14.85 -6.51
C ARG B 57 5.20 13.63 -5.95
N MET B 58 4.48 12.52 -5.83
CA MET B 58 5.12 11.32 -5.30
C MET B 58 6.19 10.78 -6.25
N ARG B 59 5.93 10.79 -7.56
CA ARG B 59 6.95 10.31 -8.50
C ARG B 59 8.20 11.17 -8.41
N ASN B 60 8.03 12.48 -8.30
CA ASN B 60 9.18 13.36 -8.17
C ASN B 60 9.99 13.04 -6.92
N PHE B 61 9.29 12.74 -5.82
CA PHE B 61 9.96 12.41 -4.57
C PHE B 61 10.69 11.07 -4.67
N LEU B 62 10.04 10.05 -5.25
CA LEU B 62 10.65 8.73 -5.37
C LEU B 62 11.83 8.74 -6.31
N ALA B 63 11.81 9.59 -7.33
CA ALA B 63 12.85 9.60 -8.35
C ALA B 63 14.19 10.01 -7.76
N ASN B 64 14.18 10.84 -6.72
CA ASN B 64 15.39 11.48 -6.23
C ASN B 64 15.76 11.04 -4.82
N ALA B 65 15.13 10.01 -4.29
CA ALA B 65 15.44 9.51 -2.97
C ALA B 65 16.74 8.69 -2.99
#